data_5DKR
#
_entry.id   5DKR
#
_cell.length_a   46.745
_cell.length_b   47.443
_cell.length_c   90.343
_cell.angle_alpha   90.000
_cell.angle_beta   90.000
_cell.angle_gamma   90.000
#
_symmetry.space_group_name_H-M   'P 21 21 21'
#
loop_
_entity.id
_entity.type
_entity.pdbx_description
1 polymer 'Protein S100-B'
2 non-polymer 'CALCIUM ION'
3 non-polymer 2-[4-(4-carbamimidoylphenoxy)phenyl]-1H-indole-6-carboximidamide
4 water water
#
_entity_poly.entity_id   1
_entity_poly.type   'polypeptide(L)'
_entity_poly.pdbx_seq_one_letter_code
;MSELEKAVVALIDVFHQYSGREGDKHKLKKSELKELINNELSHFLEEIKEQEVVDKVMETLDSDGDGECDFQEFMAFVAM
ITTACHEFFEHE
;
_entity_poly.pdbx_strand_id   A,B
#
loop_
_chem_comp.id
_chem_comp.type
_chem_comp.name
_chem_comp.formula
5CZ non-polymer 2-[4-(4-carbamimidoylphenoxy)phenyl]-1H-indole-6-carboximidamide 'C22 H19 N5 O'
CA non-polymer 'CALCIUM ION' 'Ca 2'
#
# COMPACT_ATOMS: atom_id res chain seq x y z
N MET A 1 -6.51 -15.92 -5.33
CA MET A 1 -5.74 -14.67 -5.27
C MET A 1 -4.29 -14.91 -4.90
N SER A 2 -3.38 -14.11 -5.49
CA SER A 2 -1.98 -14.14 -5.11
C SER A 2 -1.82 -13.51 -3.73
N GLU A 3 -0.61 -13.62 -3.15
CA GLU A 3 -0.34 -12.94 -1.88
C GLU A 3 -0.48 -11.43 -2.01
N LEU A 4 -0.05 -10.87 -3.14
CA LEU A 4 -0.20 -9.44 -3.38
C LEU A 4 -1.68 -9.03 -3.42
N GLU A 5 -2.49 -9.80 -4.13
CA GLU A 5 -3.90 -9.47 -4.24
C GLU A 5 -4.60 -9.58 -2.88
N LYS A 6 -4.22 -10.57 -2.09
CA LYS A 6 -4.74 -10.74 -0.72
C LYS A 6 -4.36 -9.55 0.15
N ALA A 7 -3.12 -9.09 0.02
CA ALA A 7 -2.64 -7.92 0.76
C ALA A 7 -3.47 -6.69 0.40
N VAL A 8 -3.73 -6.50 -0.88
CA VAL A 8 -4.56 -5.38 -1.34
C VAL A 8 -5.94 -5.41 -0.68
N VAL A 9 -6.58 -6.56 -0.74
CA VAL A 9 -7.88 -6.72 -0.13
C VAL A 9 -7.83 -6.55 1.41
N ALA A 10 -6.76 -7.01 2.02
CA ALA A 10 -6.57 -6.85 3.47
C ALA A 10 -6.53 -5.37 3.88
N LEU A 11 -5.94 -4.52 3.05
CA LEU A 11 -5.86 -3.10 3.37
C LEU A 11 -7.26 -2.52 3.43
N ILE A 12 -8.08 -2.92 2.46
CA ILE A 12 -9.48 -2.50 2.38
C ILE A 12 -10.28 -3.02 3.58
N ASP A 13 -10.10 -4.30 3.90
CA ASP A 13 -10.76 -4.94 5.03
C ASP A 13 -10.42 -4.23 6.36
N VAL A 14 -9.12 -4.08 6.63
CA VAL A 14 -8.69 -3.45 7.87
C VAL A 14 -9.18 -2.01 7.98
N PHE A 15 -9.06 -1.23 6.90
CA PHE A 15 -9.59 0.13 6.94
C PHE A 15 -11.04 0.13 7.41
N HIS A 16 -11.86 -0.71 6.80
CA HIS A 16 -13.29 -0.72 7.11
C HIS A 16 -13.62 -1.29 8.49
N GLN A 17 -12.82 -2.25 8.95
CA GLN A 17 -12.94 -2.75 10.32
C GLN A 17 -12.94 -1.60 11.33
N TYR A 18 -12.16 -0.56 11.05
CA TYR A 18 -12.01 0.58 11.97
C TYR A 18 -12.83 1.80 11.62
N SER A 19 -12.96 2.10 10.33
CA SER A 19 -13.71 3.29 9.90
C SER A 19 -15.19 3.19 10.21
N GLY A 20 -15.70 1.97 10.24
CA GLY A 20 -17.13 1.77 10.46
C GLY A 20 -17.58 1.76 11.91
N ARG A 21 -16.67 1.99 12.85
CA ARG A 21 -17.02 1.84 14.26
C ARG A 21 -17.82 3.02 14.81
N GLU A 22 -17.51 4.23 14.36
CA GLU A 22 -18.11 5.44 14.88
C GLU A 22 -18.32 6.47 13.78
N GLY A 23 -19.40 7.24 13.89
CA GLY A 23 -19.62 8.38 13.01
C GLY A 23 -19.60 8.08 11.53
N ASP A 24 -18.82 8.87 10.79
CA ASP A 24 -18.65 8.62 9.36
C ASP A 24 -18.09 7.22 9.22
N LYS A 25 -18.80 6.36 8.51
CA LYS A 25 -18.39 4.97 8.40
C LYS A 25 -17.33 4.77 7.33
N HIS A 26 -17.01 5.86 6.62
CA HIS A 26 -16.03 5.81 5.54
C HIS A 26 -14.73 6.53 5.89
N LYS A 27 -14.59 6.98 7.13
CA LYS A 27 -13.40 7.70 7.56
C LYS A 27 -12.99 7.28 8.96
N LEU A 28 -11.71 7.42 9.27
CA LEU A 28 -11.21 7.15 10.61
C LEU A 28 -11.16 8.45 11.38
N LYS A 29 -11.96 8.58 12.43
CA LYS A 29 -11.77 9.68 13.36
C LYS A 29 -10.61 9.33 14.27
N LYS A 30 -10.17 10.27 15.11
CA LYS A 30 -9.02 10.03 15.99
C LYS A 30 -9.11 8.77 16.85
N SER A 31 -10.28 8.52 17.45
CA SER A 31 -10.42 7.34 18.31
C SER A 31 -10.24 6.05 17.51
N GLU A 32 -10.72 6.05 16.29
CA GLU A 32 -10.64 4.86 15.44
C GLU A 32 -9.20 4.64 14.97
N LEU A 33 -8.53 5.71 14.59
CA LEU A 33 -7.13 5.67 14.20
C LEU A 33 -6.23 5.16 15.32
N LYS A 34 -6.46 5.66 16.55
CA LYS A 34 -5.72 5.16 17.71
C LYS A 34 -5.89 3.66 17.91
N GLU A 35 -7.12 3.18 17.83
CA GLU A 35 -7.42 1.76 17.97
C GLU A 35 -6.77 0.94 16.85
N LEU A 36 -6.82 1.46 15.63
CA LEU A 36 -6.20 0.76 14.51
C LEU A 36 -4.70 0.57 14.77
N ILE A 37 -4.03 1.66 15.12
CA ILE A 37 -2.60 1.61 15.40
C ILE A 37 -2.22 0.69 16.56
N ASN A 38 -2.93 0.82 17.68
CA ASN A 38 -2.65 -0.05 18.83
C ASN A 38 -3.00 -1.52 18.64
N ASN A 39 -4.07 -1.81 17.91
CA ASN A 39 -4.49 -3.18 17.72
C ASN A 39 -3.84 -3.88 16.53
N GLU A 40 -3.58 -3.12 15.47
CA GLU A 40 -3.16 -3.74 14.21
C GLU A 40 -1.70 -3.52 13.82
N LEU A 41 -1.00 -2.62 14.53
CA LEU A 41 0.41 -2.37 14.21
C LEU A 41 1.31 -2.52 15.43
N SER A 42 0.90 -3.37 16.36
CA SER A 42 1.60 -3.52 17.64
C SER A 42 3.01 -4.11 17.49
N HIS A 43 3.30 -4.74 16.36
CA HIS A 43 4.65 -5.22 16.10
C HIS A 43 5.51 -4.24 15.30
N PHE A 44 4.92 -3.15 14.81
CA PHE A 44 5.66 -2.14 14.02
C PHE A 44 5.77 -0.79 14.71
N LEU A 45 4.74 -0.38 15.45
CA LEU A 45 4.67 0.94 16.01
C LEU A 45 4.44 0.86 17.51
N GLU A 46 5.03 1.78 18.27
CA GLU A 46 4.83 1.77 19.70
C GLU A 46 3.42 2.17 19.99
N GLU A 47 2.81 1.48 20.95
CA GLU A 47 1.49 1.77 21.49
C GLU A 47 1.29 3.21 21.81
N ILE A 48 0.24 3.76 21.29
CA ILE A 48 -0.13 5.14 21.57
C ILE A 48 -0.99 5.20 22.84
N LYS A 49 -0.56 6.03 23.79
CA LYS A 49 -1.29 6.18 25.06
C LYS A 49 -1.61 7.65 25.35
N GLU A 50 -1.09 8.55 24.52
CA GLU A 50 -1.26 9.98 24.75
C GLU A 50 -2.13 10.63 23.67
N GLN A 51 -3.02 11.51 24.08
CA GLN A 51 -3.90 12.12 23.17
C GLN A 51 -3.12 13.01 22.26
N GLU A 52 -2.03 13.56 22.76
CA GLU A 52 -1.18 14.41 21.97
C GLU A 52 -0.64 13.73 20.72
N VAL A 53 -0.29 12.47 20.90
CA VAL A 53 0.39 11.70 19.91
C VAL A 53 -0.63 11.25 18.86
N VAL A 54 -1.86 11.08 19.30
CA VAL A 54 -3.01 10.85 18.43
C VAL A 54 -3.24 12.06 17.52
N ASP A 55 -3.30 13.24 18.12
CA ASP A 55 -3.54 14.48 17.37
C ASP A 55 -2.46 14.73 16.34
N LYS A 56 -1.22 14.37 16.68
CA LYS A 56 -0.10 14.61 15.79
C LYS A 56 -0.12 13.66 14.59
N VAL A 57 -0.33 12.37 14.84
CA VAL A 57 -0.48 11.39 13.76
C VAL A 57 -1.56 11.82 12.79
N MET A 58 -2.72 12.13 13.30
CA MET A 58 -3.80 12.57 12.47
C MET A 58 -3.51 13.82 11.71
N GLU A 59 -2.82 14.75 12.36
CA GLU A 59 -2.48 15.97 11.71
C GLU A 59 -1.59 15.72 10.57
N THR A 60 -0.68 14.79 10.73
CA THR A 60 0.21 14.37 9.68
C THR A 60 -0.54 13.70 8.51
N LEU A 61 -1.54 12.90 8.83
CA LEU A 61 -2.25 12.11 7.82
C LEU A 61 -3.33 12.88 7.10
N ASP A 62 -3.95 13.85 7.77
CA ASP A 62 -5.13 14.53 7.23
C ASP A 62 -4.81 15.57 6.15
N SER A 63 -4.58 15.09 4.93
CA SER A 63 -4.26 15.94 3.79
C SER A 63 -5.36 16.91 3.39
N ASP A 64 -6.62 16.49 3.44
CA ASP A 64 -7.71 17.37 3.01
C ASP A 64 -8.30 18.24 4.14
N GLY A 65 -7.76 18.06 5.35
CA GLY A 65 -8.09 18.94 6.46
C GLY A 65 -9.51 18.84 7.02
N ASP A 66 -10.15 17.69 6.88
CA ASP A 66 -11.50 17.54 7.44
C ASP A 66 -11.48 16.97 8.85
N GLY A 67 -10.29 16.68 9.35
CA GLY A 67 -10.13 16.23 10.73
C GLY A 67 -10.17 14.73 10.91
N GLU A 68 -10.41 14.00 9.83
CA GLU A 68 -10.37 12.54 9.85
C GLU A 68 -9.47 11.99 8.74
N CYS A 69 -9.26 10.69 8.76
CA CYS A 69 -8.41 10.03 7.78
C CYS A 69 -9.29 9.20 6.86
N ASP A 70 -9.37 9.57 5.59
CA ASP A 70 -10.17 8.80 4.64
C ASP A 70 -9.33 7.69 4.01
N PHE A 71 -9.88 6.96 3.05
CA PHE A 71 -9.14 5.81 2.50
C PHE A 71 -7.86 6.21 1.79
N GLN A 72 -7.92 7.28 1.00
CA GLN A 72 -6.75 7.73 0.27
C GLN A 72 -5.64 8.13 1.24
N GLU A 73 -6.03 8.81 2.32
CA GLU A 73 -5.09 9.23 3.34
C GLU A 73 -4.54 8.02 4.09
N PHE A 74 -5.38 7.01 4.31
CA PHE A 74 -4.93 5.78 4.96
C PHE A 74 -3.93 5.04 4.07
N MET A 75 -4.16 5.07 2.77
CA MET A 75 -3.21 4.46 1.84
C MET A 75 -1.85 5.13 1.95
N ALA A 76 -1.83 6.46 2.07
CA ALA A 76 -0.58 7.18 2.28
C ALA A 76 0.12 6.75 3.57
N PHE A 77 -0.68 6.50 4.61
CA PHE A 77 -0.16 6.01 5.88
C PHE A 77 0.49 4.64 5.67
N VAL A 78 -0.21 3.76 4.96
CA VAL A 78 0.32 2.42 4.71
C VAL A 78 1.63 2.47 3.92
N ALA A 79 1.71 3.42 2.99
CA ALA A 79 2.94 3.60 2.23
C ALA A 79 4.08 4.07 3.12
N MET A 80 3.80 4.98 4.04
CA MET A 80 4.80 5.41 5.02
C MET A 80 5.33 4.25 5.87
N ILE A 81 4.43 3.43 6.38
CA ILE A 81 4.79 2.33 7.25
C ILE A 81 5.55 1.28 6.48
N THR A 82 5.06 0.97 5.29
CA THR A 82 5.67 -0.06 4.46
C THR A 82 7.07 0.35 4.00
N THR A 83 7.19 1.58 3.52
CA THR A 83 8.49 2.11 3.12
C THR A 83 9.49 2.11 4.29
N ALA A 84 9.02 2.51 5.47
CA ALA A 84 9.85 2.49 6.68
C ALA A 84 10.36 1.09 6.98
N CYS A 85 9.45 0.11 6.93
CA CYS A 85 9.82 -1.28 7.14
CA CYS A 85 9.83 -1.27 7.15
C CYS A 85 10.85 -1.72 6.11
N HIS A 86 10.61 -1.37 4.85
CA HIS A 86 11.53 -1.75 3.77
C HIS A 86 12.92 -1.16 3.95
N GLU A 87 12.96 0.11 4.33
CA GLU A 87 14.21 0.83 4.51
C GLU A 87 15.02 0.27 5.68
N PHE A 88 14.31 -0.11 6.74
CA PHE A 88 14.91 -0.74 7.90
C PHE A 88 15.72 -1.97 7.50
N PHE A 89 15.13 -2.81 6.66
CA PHE A 89 15.77 -4.05 6.26
C PHE A 89 16.77 -3.86 5.13
N MET B 1 1.61 -12.16 13.23
CA MET B 1 1.31 -10.74 13.06
C MET B 1 -0.15 -10.51 12.70
N SER B 2 -0.59 -9.26 12.80
CA SER B 2 -1.96 -8.90 12.45
C SER B 2 -2.21 -9.01 10.96
N GLU B 3 -3.48 -8.94 10.58
CA GLU B 3 -3.85 -8.94 9.16
C GLU B 3 -3.15 -7.81 8.41
N LEU B 4 -3.17 -6.61 9.00
CA LEU B 4 -2.52 -5.44 8.39
C LEU B 4 -1.01 -5.62 8.28
N GLU B 5 -0.39 -6.13 9.35
CA GLU B 5 1.06 -6.36 9.34
C GLU B 5 1.48 -7.38 8.29
N LYS B 6 0.71 -8.46 8.17
CA LYS B 6 0.96 -9.44 7.13
C LYS B 6 0.85 -8.81 5.74
N ALA B 7 -0.09 -7.89 5.58
CA ALA B 7 -0.28 -7.25 4.29
C ALA B 7 0.92 -6.39 3.94
N VAL B 8 1.41 -5.64 4.92
CA VAL B 8 2.57 -4.77 4.74
C VAL B 8 3.79 -5.57 4.27
N VAL B 9 4.09 -6.66 4.97
CA VAL B 9 5.27 -7.45 4.62
C VAL B 9 5.09 -8.21 3.31
N ALA B 10 3.85 -8.57 2.97
CA ALA B 10 3.57 -9.18 1.66
C ALA B 10 3.96 -8.25 0.51
N LEU B 11 3.75 -6.94 0.68
CA LEU B 11 4.07 -5.98 -0.37
C LEU B 11 5.59 -5.95 -0.60
N ILE B 12 6.34 -5.98 0.50
CA ILE B 12 7.79 -5.97 0.45
C ILE B 12 8.28 -7.30 -0.12
N ASP B 13 7.63 -8.40 0.27
CA ASP B 13 8.04 -9.71 -0.23
C ASP B 13 7.87 -9.81 -1.75
N VAL B 14 6.70 -9.42 -2.24
CA VAL B 14 6.44 -9.55 -3.67
C VAL B 14 7.35 -8.65 -4.49
N PHE B 15 7.65 -7.45 -3.99
CA PHE B 15 8.57 -6.56 -4.68
C PHE B 15 9.96 -7.18 -4.76
N HIS B 16 10.39 -7.81 -3.69
CA HIS B 16 11.71 -8.41 -3.68
C HIS B 16 11.79 -9.61 -4.59
N GLN B 17 10.71 -10.33 -4.67
CA GLN B 17 10.67 -11.56 -5.46
C GLN B 17 10.89 -11.23 -6.94
N TYR B 18 10.39 -10.10 -7.39
CA TYR B 18 10.57 -9.74 -8.81
C TYR B 18 11.76 -8.83 -9.10
N SER B 19 12.06 -7.92 -8.17
CA SER B 19 13.17 -6.98 -8.35
C SER B 19 14.52 -7.68 -8.35
N GLY B 20 14.56 -8.86 -7.73
CA GLY B 20 15.83 -9.57 -7.58
C GLY B 20 16.18 -10.47 -8.76
N ARG B 21 15.32 -10.52 -9.77
CA ARG B 21 15.53 -11.46 -10.86
C ARG B 21 16.68 -11.07 -11.78
N GLU B 22 16.76 -9.79 -12.13
CA GLU B 22 17.75 -9.30 -13.09
C GLU B 22 18.32 -7.97 -12.66
N GLY B 23 19.59 -7.74 -13.01
CA GLY B 23 20.22 -6.44 -12.84
C GLY B 23 20.16 -5.94 -11.41
N ASP B 24 19.77 -4.68 -11.24
CA ASP B 24 19.63 -4.08 -9.92
C ASP B 24 18.66 -4.91 -9.09
N LYS B 25 19.15 -5.49 -8.00
CA LYS B 25 18.31 -6.36 -7.20
C LYS B 25 17.24 -5.59 -6.41
N HIS B 26 17.37 -4.26 -6.40
CA HIS B 26 16.46 -3.40 -5.63
C HIS B 26 15.47 -2.61 -6.49
N LYS B 27 15.49 -2.86 -7.80
CA LYS B 27 14.56 -2.18 -8.71
C LYS B 27 13.92 -3.16 -9.68
N LEU B 28 12.72 -2.82 -10.15
CA LEU B 28 12.06 -3.59 -11.20
C LEU B 28 12.36 -2.99 -12.57
N LYS B 29 13.03 -3.71 -13.44
CA LYS B 29 13.11 -3.32 -14.83
C LYS B 29 11.83 -3.72 -15.54
N LYS B 30 11.67 -3.29 -16.78
CA LYS B 30 10.49 -3.64 -17.53
C LYS B 30 10.06 -5.08 -17.50
N SER B 31 10.97 -6.00 -17.74
CA SER B 31 10.63 -7.40 -17.80
C SER B 31 10.13 -7.89 -16.44
N GLU B 32 10.76 -7.43 -15.38
CA GLU B 32 10.36 -7.83 -14.03
C GLU B 32 8.99 -7.26 -13.67
N LEU B 33 8.74 -6.03 -14.07
CA LEU B 33 7.44 -5.42 -13.82
C LEU B 33 6.33 -6.17 -14.57
N LYS B 34 6.60 -6.53 -15.83
CA LYS B 34 5.62 -7.28 -16.62
C LYS B 34 5.30 -8.61 -15.92
N GLU B 35 6.35 -9.28 -15.45
CA GLU B 35 6.19 -10.57 -14.79
C GLU B 35 5.42 -10.47 -13.48
N LEU B 36 5.66 -9.41 -12.72
CA LEU B 36 4.92 -9.23 -11.47
C LEU B 36 3.44 -9.05 -11.76
N ILE B 37 3.13 -8.17 -12.71
CA ILE B 37 1.75 -7.89 -13.06
C ILE B 37 1.05 -9.13 -13.60
N ASN B 38 1.71 -9.82 -14.52
CA ASN B 38 1.08 -10.99 -15.12
C ASN B 38 0.91 -12.17 -14.16
N ASN B 39 1.81 -12.29 -13.19
CA ASN B 39 1.77 -13.44 -12.28
C ASN B 39 1.11 -13.17 -10.92
N GLU B 40 1.07 -11.91 -10.52
CA GLU B 40 0.67 -11.61 -9.14
C GLU B 40 -0.54 -10.67 -9.10
N LEU B 41 -0.92 -10.17 -10.27
CA LEU B 41 -2.07 -9.30 -10.37
C LEU B 41 -3.05 -9.82 -11.42
N SER B 42 -2.99 -11.13 -11.65
CA SER B 42 -3.77 -11.76 -12.72
C SER B 42 -5.27 -11.75 -12.47
N HIS B 43 -5.68 -11.56 -11.22
CA HIS B 43 -7.10 -11.45 -10.93
C HIS B 43 -7.58 -9.99 -11.03
N PHE B 44 -6.64 -9.05 -11.05
CA PHE B 44 -6.98 -7.62 -10.97
C PHE B 44 -6.75 -6.84 -12.25
N LEU B 45 -5.73 -7.24 -13.01
CA LEU B 45 -5.33 -6.48 -14.18
C LEU B 45 -5.24 -7.35 -15.43
N GLU B 46 -5.56 -6.75 -16.58
CA GLU B 46 -5.45 -7.43 -17.86
C GLU B 46 -4.00 -7.83 -18.11
N GLU B 47 -3.80 -9.09 -18.51
CA GLU B 47 -2.45 -9.60 -18.78
C GLU B 47 -1.74 -8.74 -19.83
N ILE B 48 -0.48 -8.45 -19.56
CA ILE B 48 0.34 -7.63 -20.46
C ILE B 48 1.00 -8.50 -21.51
N LYS B 49 0.64 -8.28 -22.74
CA LYS B 49 1.11 -9.14 -23.77
C LYS B 49 1.88 -8.48 -24.80
N GLU B 50 1.94 -7.15 -24.85
CA GLU B 50 2.69 -6.20 -25.70
CA GLU B 50 2.66 -6.18 -25.72
C GLU B 50 3.75 -5.10 -25.00
N GLN B 51 4.89 -4.85 -25.71
CA GLN B 51 5.93 -4.04 -25.22
C GLN B 51 5.41 -2.66 -25.05
N GLU B 52 4.53 -2.22 -25.92
CA GLU B 52 4.01 -0.85 -25.80
C GLU B 52 3.28 -0.65 -24.47
N VAL B 53 2.53 -1.67 -24.05
CA VAL B 53 1.80 -1.60 -22.80
C VAL B 53 2.76 -1.62 -21.61
N VAL B 54 3.78 -2.49 -21.66
CA VAL B 54 4.82 -2.49 -20.62
C VAL B 54 5.51 -1.14 -20.52
N ASP B 55 5.93 -0.61 -21.67
CA ASP B 55 6.61 0.67 -21.72
C ASP B 55 5.78 1.76 -21.05
N LYS B 56 4.48 1.71 -21.29
CA LYS B 56 3.57 2.74 -20.83
C LYS B 56 3.39 2.66 -19.32
N VAL B 57 3.20 1.44 -18.82
CA VAL B 57 3.05 1.26 -17.38
C VAL B 57 4.32 1.74 -16.67
N MET B 58 5.48 1.38 -17.19
CA MET B 58 6.74 1.82 -16.57
C MET B 58 6.90 3.33 -16.60
N GLU B 59 6.62 3.96 -17.74
CA GLU B 59 6.70 5.42 -17.83
C GLU B 59 5.80 6.07 -16.79
N THR B 60 4.61 5.50 -16.61
CA THR B 60 3.67 5.99 -15.61
C THR B 60 4.23 5.88 -14.19
N LEU B 61 4.90 4.76 -13.90
CA LEU B 61 5.36 4.51 -12.53
C LEU B 61 6.70 5.15 -12.21
N ASP B 62 7.48 5.43 -13.24
CA ASP B 62 8.86 5.85 -13.05
C ASP B 62 8.99 7.35 -12.78
N SER B 63 8.73 7.71 -11.52
CA SER B 63 8.69 9.11 -11.10
C SER B 63 10.06 9.77 -11.14
N ASP B 64 11.09 9.00 -10.82
CA ASP B 64 12.44 9.56 -10.73
C ASP B 64 13.23 9.49 -12.04
N GLY B 65 12.58 8.94 -13.07
CA GLY B 65 13.11 8.99 -14.43
C GLY B 65 14.26 8.07 -14.77
N ASP B 66 14.55 7.10 -13.92
CA ASP B 66 15.71 6.24 -14.12
C ASP B 66 15.43 4.98 -14.96
N GLY B 67 14.23 4.88 -15.50
CA GLY B 67 13.85 3.76 -16.37
C GLY B 67 13.40 2.48 -15.67
N GLU B 68 13.41 2.48 -14.34
CA GLU B 68 12.97 1.31 -13.59
C GLU B 68 12.00 1.72 -12.48
N CYS B 69 11.42 0.73 -11.83
CA CYS B 69 10.47 1.02 -10.76
C CYS B 69 11.07 0.58 -9.43
N ASP B 70 11.38 1.53 -8.55
CA ASP B 70 11.96 1.18 -7.24
C ASP B 70 10.85 0.96 -6.22
N PHE B 71 11.22 0.72 -4.96
CA PHE B 71 10.18 0.35 -4.01
C PHE B 71 9.14 1.44 -3.79
N GLN B 72 9.61 2.68 -3.65
CA GLN B 72 8.68 3.78 -3.42
C GLN B 72 7.72 3.95 -4.61
N GLU B 73 8.24 3.76 -5.81
CA GLU B 73 7.41 3.85 -7.01
C GLU B 73 6.41 2.69 -7.07
N PHE B 74 6.86 1.53 -6.62
CA PHE B 74 5.99 0.36 -6.55
C PHE B 74 4.89 0.59 -5.54
N MET B 75 5.22 1.22 -4.41
CA MET B 75 4.20 1.52 -3.41
C MET B 75 3.13 2.43 -3.97
N ALA B 76 3.52 3.34 -4.86
CA ALA B 76 2.57 4.24 -5.48
C ALA B 76 1.63 3.45 -6.39
N PHE B 77 2.19 2.46 -7.08
CA PHE B 77 1.42 1.56 -7.93
C PHE B 77 0.43 0.78 -7.07
N VAL B 78 0.88 0.27 -5.93
CA VAL B 78 -0.02 -0.48 -5.04
C VAL B 78 -1.17 0.43 -4.57
N ALA B 79 -0.86 1.68 -4.26
CA ALA B 79 -1.91 2.60 -3.81
C ALA B 79 -2.94 2.78 -4.91
N MET B 80 -2.48 2.89 -6.16
CA MET B 80 -3.38 3.03 -7.32
C MET B 80 -4.33 1.84 -7.40
N ILE B 81 -3.74 0.65 -7.40
CA ILE B 81 -4.50 -0.59 -7.51
C ILE B 81 -5.48 -0.73 -6.36
N THR B 82 -5.04 -0.41 -5.14
CA THR B 82 -5.88 -0.66 -3.97
C THR B 82 -7.07 0.29 -3.98
N THR B 83 -6.80 1.53 -4.39
CA THR B 83 -7.87 2.51 -4.55
C THR B 83 -8.90 2.07 -5.59
N ALA B 84 -8.42 1.57 -6.72
CA ALA B 84 -9.31 1.05 -7.75
C ALA B 84 -10.12 -0.13 -7.23
N CYS B 85 -9.49 -0.99 -6.44
CA CYS B 85 -10.17 -2.15 -5.90
CA CYS B 85 -10.15 -2.16 -5.88
C CYS B 85 -11.21 -1.72 -4.87
N HIS B 86 -10.88 -0.70 -4.09
CA HIS B 86 -11.78 -0.16 -3.08
C HIS B 86 -13.08 0.33 -3.73
N GLU B 87 -12.93 1.10 -4.80
CA GLU B 87 -14.09 1.63 -5.52
C GLU B 87 -14.95 0.50 -6.08
N PHE B 88 -14.30 -0.54 -6.59
CA PHE B 88 -15.00 -1.70 -7.15
C PHE B 88 -15.86 -2.40 -6.10
N PHE B 89 -15.28 -2.69 -4.94
CA PHE B 89 -16.02 -3.32 -3.86
C PHE B 89 -17.01 -2.33 -3.23
N GLU B 90 -16.97 -1.07 -3.64
CA GLU B 90 -17.94 -0.10 -3.20
C GLU B 90 -18.76 0.44 -4.37
CA CA C . -15.56 6.37 11.42
CA CA D . -9.05 13.90 5.86
C2 5CZ E . 9.73 -6.60 13.08
C3 5CZ E . 8.43 -6.81 12.63
C7 5CZ E . 10.64 -7.62 12.96
C8 5CZ E . 10.15 -5.31 13.70
C9 5CZ E . 11.45 -4.80 13.71
C10 5CZ E . 11.29 -3.57 14.41
C11 5CZ E . 9.98 -3.36 14.79
C20 5CZ E . 8.64 -10.44 10.03
C21 5CZ E . 8.00 -11.58 9.56
C22 5CZ E . 7.92 -11.82 8.18
C24 5CZ E . 9.12 -9.77 7.74
N29 5CZ E . 7.16 -11.86 5.37
C30 5CZ E . 12.26 -2.62 14.73
C31 5CZ E . 11.89 -1.47 15.43
C32 5CZ E . 10.55 -1.27 15.81
C33 5CZ E . 9.60 -2.23 15.50
C34 5CZ E . 10.14 -0.05 16.58
C4 5CZ E . 8.08 -8.02 12.06
C5 5CZ E . 9.01 -9.05 11.94
C6 5CZ E . 10.30 -8.84 12.40
N12 5CZ E . 9.32 -4.45 14.34
O19 5CZ E . 8.69 -10.25 11.39
C23 5CZ E . 8.48 -10.93 7.28
C25 5CZ E . 9.20 -9.54 9.12
C26 5CZ E . 8.33 -11.22 5.81
N27 5CZ E . 9.19 -10.87 4.96
N35 5CZ E . 10.96 0.46 17.62
N38 5CZ E . 9.06 0.53 16.27
CA CA F . 15.91 -5.97 -10.93
CA CA G . 12.39 4.88 -11.17
CA CA H . 13.43 6.84 -6.37
#